data_7HGA
#
_entry.id   7HGA
#
_cell.length_a   41.660
_cell.length_b   41.949
_cell.length_c   158.053
_cell.angle_alpha   90.00
_cell.angle_beta   90.00
_cell.angle_gamma   90.00
#
_symmetry.space_group_name_H-M   'P 21 21 21'
#
loop_
_entity.id
_entity.type
_entity.pdbx_description
1 polymer 'Hepatoma-derived growth factor-related protein 2'
2 non-polymer 'SULFATE ION'
3 non-polymer 1,2-ETHANEDIOL
4 non-polymer [4-methyl-6-(piperidin-1-yl)pyrimidin-2-yl]methanol
5 water water
#
_entity_poly.entity_id   1
_entity_poly.type   'polypeptide(L)'
_entity_poly.pdbx_seq_one_letter_code
;GMPHAFKPGDLVFAKMKGYPHWPARIDDIADGAVKPPPNKYPIFFFGTHETAFLGPKDLFPYDKSKDKYGKPNKRKGFNE
GLWEIQNNPHASYS
;
_entity_poly.pdbx_strand_id   A,B,C
#
loop_
_chem_comp.id
_chem_comp.type
_chem_comp.name
_chem_comp.formula
EDO non-polymer 1,2-ETHANEDIOL 'C2 H6 O2'
SO4 non-polymer 'SULFATE ION' 'O4 S -2'
TU6 non-polymer [4-methyl-6-(piperidin-1-yl)pyrimidin-2-yl]methanol 'C11 H17 N3 O'
#
# COMPACT_ATOMS: atom_id res chain seq x y z
N MET A 2 -13.50 -9.83 22.49
CA MET A 2 -12.22 -9.43 23.13
C MET A 2 -11.08 -9.41 22.09
N PRO A 3 -10.08 -8.53 22.28
CA PRO A 3 -8.97 -8.34 21.34
C PRO A 3 -8.12 -9.59 21.08
N HIS A 4 -7.67 -9.76 19.82
CA HIS A 4 -6.68 -10.76 19.51
C HIS A 4 -5.37 -10.02 19.34
N ALA A 5 -4.28 -10.75 19.05
CA ALA A 5 -3.04 -10.10 18.67
C ALA A 5 -3.23 -9.42 17.32
N PHE A 6 -2.32 -8.48 17.03
CA PHE A 6 -2.27 -7.83 15.73
C PHE A 6 -2.05 -8.87 14.62
N LYS A 7 -2.72 -8.65 13.49
CA LYS A 7 -2.53 -9.49 12.32
C LYS A 7 -2.40 -8.64 11.06
N PRO A 8 -1.79 -9.18 9.99
CA PRO A 8 -1.72 -8.41 8.75
C PRO A 8 -3.13 -7.99 8.30
N GLY A 9 -3.25 -6.76 7.80
CA GLY A 9 -4.52 -6.18 7.40
C GLY A 9 -5.21 -5.32 8.47
N ASP A 10 -4.78 -5.46 9.73
CA ASP A 10 -5.34 -4.60 10.79
C ASP A 10 -5.00 -3.13 10.51
N LEU A 11 -5.96 -2.23 10.77
CA LEU A 11 -5.79 -0.81 10.48
C LEU A 11 -5.55 -0.11 11.82
N VAL A 12 -4.62 0.85 11.83
CA VAL A 12 -4.14 1.44 13.10
C VAL A 12 -3.84 2.92 12.87
N PHE A 13 -3.67 3.68 13.96
CA PHE A 13 -2.79 4.84 13.94
C PHE A 13 -1.50 4.38 14.60
N ALA A 14 -0.34 4.73 13.99
CA ALA A 14 0.94 4.21 14.46
C ALA A 14 1.74 5.42 14.91
N LYS A 15 2.39 5.32 16.08
CA LYS A 15 3.07 6.48 16.64
C LYS A 15 4.58 6.31 16.54
N MET A 16 5.20 7.35 15.99
CA MET A 16 6.64 7.44 16.10
C MET A 16 7.05 8.80 16.66
N LYS A 17 8.19 8.76 17.36
CA LYS A 17 8.88 9.93 17.91
C LYS A 17 8.80 11.06 16.91
N GLY A 18 8.20 12.18 17.36
CA GLY A 18 8.30 13.42 16.62
C GLY A 18 7.24 13.54 15.52
N TYR A 19 6.42 12.49 15.36
CA TYR A 19 5.36 12.56 14.38
C TYR A 19 4.01 12.42 15.06
N PRO A 20 2.92 12.97 14.47
CA PRO A 20 1.56 12.73 14.98
C PRO A 20 1.20 11.26 14.79
N HIS A 21 0.24 10.77 15.58
CA HIS A 21 -0.29 9.43 15.36
C HIS A 21 -0.77 9.33 13.91
N TRP A 22 -0.30 8.28 13.17
CA TRP A 22 -0.35 8.31 11.71
C TRP A 22 -1.20 7.16 11.16
N PRO A 23 -2.15 7.39 10.22
CA PRO A 23 -2.92 6.28 9.65
C PRO A 23 -1.99 5.23 9.03
N ALA A 24 -2.22 3.95 9.33
CA ALA A 24 -1.30 2.93 8.86
C ALA A 24 -1.98 1.55 8.92
N ARG A 25 -1.32 0.52 8.34
CA ARG A 25 -1.79 -0.84 8.43
C ARG A 25 -0.64 -1.78 8.75
N ILE A 26 -1.02 -2.90 9.37
CA ILE A 26 -0.08 -4.02 9.54
C ILE A 26 0.03 -4.71 8.20
N ASP A 27 1.26 -4.79 7.67
CA ASP A 27 1.47 -5.43 6.39
C ASP A 27 1.74 -6.92 6.56
N ASP A 28 1.54 -7.66 5.46
CA ASP A 28 2.03 -9.03 5.37
C ASP A 28 3.53 -8.99 5.12
N ILE A 29 4.19 -10.13 5.34
CA ILE A 29 5.56 -10.25 4.86
C ILE A 29 5.54 -11.24 3.68
N ALA A 30 5.94 -10.75 2.50
CA ALA A 30 5.98 -11.51 1.25
C ALA A 30 7.20 -12.45 1.31
N ASP A 31 7.09 -13.56 0.59
CA ASP A 31 8.23 -14.44 0.39
C ASP A 31 9.41 -13.60 -0.07
N GLY A 32 10.58 -13.82 0.56
CA GLY A 32 11.77 -13.12 0.08
C GLY A 32 11.97 -11.74 0.71
N ALA A 33 10.95 -11.17 1.33
CA ALA A 33 11.06 -9.83 1.92
C ALA A 33 11.79 -9.86 3.27
N VAL A 34 12.34 -8.69 3.64
CA VAL A 34 12.97 -8.51 4.95
C VAL A 34 11.95 -8.68 6.08
N LYS A 35 12.27 -9.57 7.03
CA LYS A 35 11.44 -9.83 8.21
C LYS A 35 11.68 -8.74 9.26
N PRO A 36 10.65 -8.38 10.07
CA PRO A 36 10.86 -7.50 11.22
C PRO A 36 11.67 -8.13 12.36
N PRO A 37 12.24 -7.30 13.28
CA PRO A 37 12.81 -7.83 14.53
C PRO A 37 11.75 -8.57 15.34
N PRO A 38 12.12 -9.46 16.28
CA PRO A 38 11.14 -10.08 17.18
C PRO A 38 10.25 -9.09 17.93
N ASN A 39 8.98 -9.45 18.09
CA ASN A 39 7.96 -8.64 18.75
C ASN A 39 7.70 -7.34 18.00
N LYS A 40 8.20 -7.22 16.76
CA LYS A 40 7.88 -6.06 15.93
C LYS A 40 7.02 -6.46 14.71
N TYR A 41 6.28 -5.48 14.18
CA TYR A 41 5.37 -5.65 13.05
C TYR A 41 5.81 -4.75 11.91
N PRO A 42 5.59 -5.17 10.64
CA PRO A 42 5.85 -4.28 9.51
C PRO A 42 4.68 -3.32 9.36
N ILE A 43 4.95 -2.03 9.59
CA ILE A 43 3.91 -1.00 9.53
C ILE A 43 4.03 -0.24 8.21
N PHE A 44 2.95 -0.28 7.40
CA PHE A 44 2.87 0.58 6.23
C PHE A 44 2.08 1.84 6.56
N PHE A 45 2.72 2.99 6.32
CA PHE A 45 2.09 4.27 6.62
C PHE A 45 1.38 4.78 5.37
N PHE A 46 0.08 5.08 5.52
CA PHE A 46 -0.69 5.60 4.39
C PHE A 46 -0.20 7.02 4.11
N GLY A 47 -0.33 7.42 2.86
CA GLY A 47 0.06 8.77 2.47
C GLY A 47 1.54 8.82 2.05
N THR A 48 2.43 8.67 3.05
CA THR A 48 3.86 8.61 2.78
C THR A 48 4.24 7.32 2.02
N HIS A 49 3.53 6.20 2.28
CA HIS A 49 3.85 4.89 1.69
C HIS A 49 5.21 4.37 2.17
N GLU A 50 5.65 4.80 3.37
CA GLU A 50 6.90 4.32 3.95
C GLU A 50 6.58 3.19 4.93
N THR A 51 7.61 2.39 5.28
CA THR A 51 7.46 1.24 6.15
C THR A 51 8.41 1.46 7.33
N ALA A 52 7.95 1.08 8.53
CA ALA A 52 8.82 0.99 9.70
C ALA A 52 8.41 -0.23 10.52
N PHE A 53 9.28 -0.66 11.45
CA PHE A 53 8.95 -1.79 12.28
C PHE A 53 8.61 -1.28 13.66
N LEU A 54 7.39 -1.60 14.15
CA LEU A 54 6.97 -1.06 15.43
C LEU A 54 6.37 -2.16 16.28
N GLY A 55 6.44 -1.97 17.60
CA GLY A 55 5.76 -2.88 18.52
C GLY A 55 4.40 -2.35 18.96
N PRO A 56 3.56 -3.20 19.56
CA PRO A 56 2.19 -2.84 19.95
C PRO A 56 2.02 -1.59 20.79
N LYS A 57 3.06 -1.22 21.58
CA LYS A 57 2.93 0.00 22.36
C LYS A 57 2.70 1.24 21.48
N ASP A 58 3.06 1.17 20.19
CA ASP A 58 2.94 2.33 19.34
C ASP A 58 1.78 2.18 18.34
N LEU A 59 0.91 1.18 18.54
CA LEU A 59 -0.13 0.81 17.57
C LEU A 59 -1.50 0.96 18.25
N PHE A 60 -2.30 1.92 17.73
CA PHE A 60 -3.65 2.23 18.25
C PHE A 60 -4.71 1.78 17.22
N PRO A 61 -5.56 0.77 17.53
CA PRO A 61 -6.55 0.31 16.56
C PRO A 61 -7.41 1.44 16.00
N TYR A 62 -7.67 1.37 14.66
CA TYR A 62 -8.24 2.49 13.93
C TYR A 62 -9.65 2.84 14.39
N ASP A 63 -10.47 1.82 14.62
CA ASP A 63 -11.89 2.09 14.90
C ASP A 63 -12.01 2.86 16.22
N LYS A 64 -11.34 2.33 17.26
CA LYS A 64 -11.31 2.95 18.58
C LYS A 64 -10.74 4.39 18.56
N SER A 65 -9.75 4.67 17.70
CA SER A 65 -8.94 5.86 17.81
C SER A 65 -9.24 6.95 16.78
N LYS A 66 -10.09 6.66 15.78
CA LYS A 66 -10.21 7.58 14.65
C LYS A 66 -10.83 8.94 15.05
N ASP A 67 -11.75 8.93 16.02
N ASP A 67 -11.69 8.93 16.06
CA ASP A 67 -12.32 10.20 16.46
CA ASP A 67 -12.35 10.18 16.47
C ASP A 67 -11.21 11.14 16.94
C ASP A 67 -11.35 11.13 17.15
N LYS A 68 -10.26 10.59 17.70
CA LYS A 68 -9.21 11.39 18.29
C LYS A 68 -8.15 11.79 17.28
N TYR A 69 -7.71 10.84 16.45
CA TYR A 69 -6.47 11.00 15.69
C TYR A 69 -6.76 11.30 14.21
N GLY A 70 -8.00 11.08 13.77
CA GLY A 70 -8.34 11.12 12.35
C GLY A 70 -8.82 12.51 11.93
N LYS A 71 -7.91 13.47 12.00
CA LYS A 71 -8.24 14.87 11.73
C LYS A 71 -7.09 15.43 10.89
N PRO A 72 -7.38 16.34 9.93
CA PRO A 72 -6.31 16.84 9.07
C PRO A 72 -5.08 17.33 9.83
N ASN A 73 -3.90 17.15 9.23
CA ASN A 73 -2.61 17.53 9.76
C ASN A 73 -1.80 18.15 8.61
N LYS A 74 -0.91 19.08 8.97
CA LYS A 74 -0.17 19.83 7.97
C LYS A 74 0.99 18.99 7.44
N ARG A 75 1.32 17.88 8.12
CA ARG A 75 2.49 17.10 7.74
C ARG A 75 2.28 16.45 6.38
N LYS A 76 3.38 16.36 5.61
CA LYS A 76 3.40 15.87 4.24
C LYS A 76 2.82 14.47 4.22
N GLY A 77 1.78 14.28 3.40
CA GLY A 77 1.25 12.96 3.14
C GLY A 77 0.15 12.59 4.13
N PHE A 78 0.00 13.35 5.22
CA PHE A 78 -0.97 13.00 6.25
C PHE A 78 -2.40 12.91 5.69
N ASN A 79 -2.85 13.93 4.94
CA ASN A 79 -4.26 13.98 4.58
C ASN A 79 -4.54 12.98 3.46
N GLU A 80 -3.51 12.67 2.66
CA GLU A 80 -3.64 11.64 1.66
C GLU A 80 -3.81 10.33 2.41
N GLY A 81 -3.05 10.20 3.51
CA GLY A 81 -3.17 8.97 4.27
C GLY A 81 -4.53 8.77 4.93
N LEU A 82 -5.19 9.87 5.32
CA LEU A 82 -6.51 9.72 5.90
C LEU A 82 -7.50 9.20 4.86
N TRP A 83 -7.33 9.64 3.60
CA TRP A 83 -8.22 9.20 2.54
C TRP A 83 -8.01 7.71 2.32
N GLU A 84 -6.75 7.28 2.29
CA GLU A 84 -6.46 5.89 1.94
C GLU A 84 -7.02 4.94 3.00
N ILE A 85 -6.83 5.29 4.28
CA ILE A 85 -7.28 4.37 5.34
C ILE A 85 -8.79 4.22 5.37
N GLN A 86 -9.50 5.32 5.09
CA GLN A 86 -10.97 5.28 5.07
C GLN A 86 -11.52 4.66 3.79
N ASN A 87 -10.86 4.88 2.63
CA ASN A 87 -11.47 4.60 1.33
C ASN A 87 -10.90 3.38 0.61
N ASN A 88 -9.62 3.03 0.82
CA ASN A 88 -9.05 1.87 0.15
C ASN A 88 -7.84 1.38 0.95
N PRO A 89 -8.07 0.90 2.19
CA PRO A 89 -6.98 0.62 3.11
C PRO A 89 -6.26 -0.66 2.71
N HIS A 90 -6.88 -1.51 1.85
CA HIS A 90 -6.24 -2.81 1.56
C HIS A 90 -5.67 -2.92 0.15
N ALA A 91 -5.53 -1.77 -0.55
CA ALA A 91 -5.01 -1.72 -1.92
C ALA A 91 -3.48 -1.82 -1.93
N SER A 92 -2.98 -2.15 -3.14
CA SER A 92 -1.57 -2.07 -3.48
C SER A 92 -1.18 -0.60 -3.72
N TYR A 93 -0.24 -0.12 -2.90
CA TYR A 93 0.28 1.25 -3.03
C TYR A 93 1.73 1.18 -3.51
N SER A 94 2.16 -0.02 -3.94
CA SER A 94 3.49 -0.32 -4.46
C SER A 94 3.73 0.44 -5.78
N ALA B 5 22.58 -28.90 -20.27
CA ALA B 5 23.56 -29.24 -19.21
C ALA B 5 22.84 -29.38 -17.88
N PHE B 6 21.91 -28.45 -17.59
CA PHE B 6 21.04 -28.57 -16.44
C PHE B 6 19.81 -29.43 -16.75
N LYS B 7 19.42 -30.26 -15.78
CA LYS B 7 18.31 -31.16 -15.97
C LYS B 7 17.33 -31.06 -14.80
N PRO B 8 16.01 -31.29 -14.99
CA PRO B 8 15.08 -31.44 -13.87
C PRO B 8 15.65 -32.20 -12.67
N GLY B 9 15.49 -31.60 -11.48
CA GLY B 9 16.01 -32.17 -10.25
C GLY B 9 17.38 -31.63 -9.83
N ASP B 10 18.07 -30.87 -10.71
CA ASP B 10 19.33 -30.30 -10.28
C ASP B 10 19.07 -29.22 -9.22
N LEU B 11 19.99 -29.12 -8.26
CA LEU B 11 19.88 -28.17 -7.17
C LEU B 11 20.81 -27.00 -7.43
N VAL B 12 20.34 -25.77 -7.18
CA VAL B 12 21.14 -24.59 -7.51
C VAL B 12 20.90 -23.54 -6.43
N PHE B 13 21.71 -22.47 -6.49
CA PHE B 13 21.17 -21.20 -6.03
C PHE B 13 20.73 -20.44 -7.27
N ALA B 14 19.59 -19.72 -7.18
CA ALA B 14 19.03 -19.03 -8.32
C ALA B 14 18.94 -17.53 -7.99
N LYS B 15 19.43 -16.67 -8.89
CA LYS B 15 19.50 -15.25 -8.58
C LYS B 15 18.39 -14.49 -9.30
N MET B 16 17.58 -13.75 -8.55
CA MET B 16 16.60 -12.81 -9.10
C MET B 16 16.93 -11.41 -8.60
N LYS B 17 16.60 -10.40 -9.42
CA LYS B 17 16.74 -9.00 -9.03
C LYS B 17 16.04 -8.72 -7.70
N GLY B 18 16.76 -8.10 -6.76
CA GLY B 18 16.23 -7.71 -5.47
C GLY B 18 16.28 -8.78 -4.40
N TYR B 19 16.86 -9.96 -4.75
CA TYR B 19 16.93 -11.01 -3.74
C TYR B 19 18.32 -11.62 -3.75
N PRO B 20 18.75 -12.18 -2.60
CA PRO B 20 20.02 -12.89 -2.54
C PRO B 20 19.91 -14.18 -3.31
N HIS B 21 21.07 -14.68 -3.76
CA HIS B 21 21.09 -15.99 -4.40
C HIS B 21 20.32 -16.99 -3.53
N TRP B 22 19.40 -17.74 -4.14
CA TRP B 22 18.36 -18.36 -3.31
C TRP B 22 18.39 -19.88 -3.54
N PRO B 23 18.28 -20.72 -2.47
CA PRO B 23 18.20 -22.17 -2.71
C PRO B 23 17.01 -22.61 -3.58
N ALA B 24 17.26 -23.40 -4.63
CA ALA B 24 16.23 -23.63 -5.63
C ALA B 24 16.48 -24.95 -6.36
N ARG B 25 15.56 -25.31 -7.23
CA ARG B 25 15.70 -26.51 -8.07
C ARG B 25 15.14 -26.24 -9.45
N ILE B 26 15.67 -27.03 -10.39
CA ILE B 26 15.10 -27.15 -11.71
C ILE B 26 13.92 -28.10 -11.64
N ASP B 27 12.76 -27.64 -12.08
CA ASP B 27 11.58 -28.48 -12.12
C ASP B 27 11.43 -29.07 -13.53
N ASP B 28 10.44 -29.96 -13.73
N ASP B 28 10.49 -30.01 -13.68
CA ASP B 28 10.18 -30.59 -15.02
CA ASP B 28 10.13 -30.57 -14.97
C ASP B 28 9.46 -29.61 -15.95
C ASP B 28 8.74 -30.04 -15.34
N VAL B 34 2.37 -23.29 -19.48
CA VAL B 34 3.27 -22.84 -20.59
C VAL B 34 4.66 -23.43 -20.35
N LYS B 35 5.32 -23.87 -21.44
CA LYS B 35 6.69 -24.34 -21.38
C LYS B 35 7.66 -23.15 -21.24
N PRO B 36 8.90 -23.36 -20.74
CA PRO B 36 9.87 -22.27 -20.58
C PRO B 36 10.21 -21.59 -21.90
N PRO B 37 10.48 -20.26 -21.94
CA PRO B 37 11.13 -19.65 -23.08
C PRO B 37 12.42 -20.41 -23.42
N PRO B 38 12.95 -20.22 -24.65
CA PRO B 38 14.19 -20.88 -25.07
C PRO B 38 15.37 -20.52 -24.17
N ASN B 39 16.15 -21.55 -23.81
CA ASN B 39 17.39 -21.34 -23.06
C ASN B 39 17.09 -21.05 -21.59
N LYS B 40 15.83 -21.22 -21.17
CA LYS B 40 15.45 -20.96 -19.79
C LYS B 40 14.93 -22.24 -19.13
N TYR B 41 14.97 -22.26 -17.78
CA TYR B 41 14.49 -23.41 -17.04
C TYR B 41 13.40 -22.97 -16.08
N PRO B 42 12.44 -23.86 -15.77
CA PRO B 42 11.50 -23.63 -14.67
C PRO B 42 12.24 -23.80 -13.34
N ILE B 43 12.18 -22.78 -12.49
CA ILE B 43 12.83 -22.83 -11.20
C ILE B 43 11.78 -22.77 -10.07
N PHE B 44 11.95 -23.64 -9.08
CA PHE B 44 11.23 -23.57 -7.80
C PHE B 44 12.17 -23.04 -6.69
N PHE B 45 11.67 -22.06 -5.91
CA PHE B 45 12.48 -21.47 -4.86
C PHE B 45 12.10 -22.07 -3.51
N PHE B 46 13.03 -22.85 -2.96
CA PHE B 46 12.74 -23.53 -1.70
C PHE B 46 12.39 -22.49 -0.61
N GLY B 47 11.51 -22.90 0.29
CA GLY B 47 11.02 -22.07 1.41
C GLY B 47 9.94 -21.05 1.02
N THR B 48 9.45 -21.06 -0.22
CA THR B 48 8.51 -20.09 -0.75
C THR B 48 7.44 -20.79 -1.59
N HIS B 49 6.42 -20.00 -1.99
CA HIS B 49 5.52 -20.49 -3.03
C HIS B 49 5.86 -19.84 -4.37
N GLU B 50 7.14 -19.55 -4.65
CA GLU B 50 7.46 -18.85 -5.89
C GLU B 50 8.16 -19.76 -6.91
N THR B 51 7.84 -19.55 -8.19
CA THR B 51 8.52 -20.15 -9.35
C THR B 51 8.90 -19.02 -10.33
N ALA B 52 9.93 -19.24 -11.17
CA ALA B 52 10.17 -18.33 -12.28
C ALA B 52 10.95 -19.07 -13.36
N PHE B 53 11.02 -18.47 -14.55
CA PHE B 53 11.91 -18.95 -15.59
C PHE B 53 13.22 -18.16 -15.52
N LEU B 54 14.34 -18.88 -15.43
CA LEU B 54 15.66 -18.25 -15.39
C LEU B 54 16.60 -18.89 -16.39
N GLY B 55 17.53 -18.06 -16.91
CA GLY B 55 18.63 -18.54 -17.73
C GLY B 55 19.84 -18.96 -16.90
N PRO B 56 20.74 -19.79 -17.50
CA PRO B 56 21.90 -20.28 -16.76
C PRO B 56 22.81 -19.25 -16.08
N LYS B 57 22.85 -18.00 -16.59
CA LYS B 57 23.71 -16.95 -16.01
C LYS B 57 23.34 -16.69 -14.54
N ASP B 58 22.10 -17.04 -14.19
CA ASP B 58 21.53 -16.80 -12.88
C ASP B 58 21.38 -18.12 -12.09
N LEU B 59 22.03 -19.20 -12.56
CA LEU B 59 21.88 -20.51 -11.93
C LEU B 59 23.24 -21.06 -11.55
N PHE B 60 23.44 -21.22 -10.25
CA PHE B 60 24.73 -21.62 -9.72
C PHE B 60 24.60 -23.00 -9.10
N PRO B 61 25.36 -24.02 -9.54
CA PRO B 61 25.20 -25.36 -8.96
C PRO B 61 25.39 -25.38 -7.44
N TYR B 62 24.50 -26.11 -6.72
CA TYR B 62 24.45 -25.93 -5.27
C TYR B 62 25.68 -26.44 -4.54
N ASP B 63 26.19 -27.62 -4.95
CA ASP B 63 27.32 -28.22 -4.26
C ASP B 63 28.53 -27.30 -4.37
N LYS B 64 28.76 -26.76 -5.57
CA LYS B 64 29.88 -25.88 -5.84
C LYS B 64 29.81 -24.55 -5.07
N SER B 65 28.58 -24.01 -4.89
CA SER B 65 28.40 -22.63 -4.43
C SER B 65 27.80 -22.52 -3.02
N LYS B 66 27.51 -23.63 -2.34
CA LYS B 66 26.85 -23.57 -1.03
C LYS B 66 27.71 -22.90 0.04
N ASP B 67 29.04 -22.94 -0.08
CA ASP B 67 29.87 -22.23 0.91
C ASP B 67 29.75 -20.72 0.73
N LYS B 68 29.60 -20.26 -0.51
CA LYS B 68 29.52 -18.83 -0.78
C LYS B 68 28.11 -18.31 -0.51
N TYR B 69 27.07 -19.05 -0.93
CA TYR B 69 25.71 -18.47 -0.93
C TYR B 69 24.83 -19.00 0.21
N GLY B 70 25.28 -20.08 0.87
CA GLY B 70 24.38 -20.74 1.82
C GLY B 70 24.45 -20.17 3.24
N LYS B 71 24.43 -18.83 3.38
CA LYS B 71 24.58 -18.15 4.65
C LYS B 71 23.30 -17.38 5.00
N PRO B 72 22.70 -17.65 6.19
CA PRO B 72 21.51 -16.91 6.64
C PRO B 72 21.47 -15.38 6.51
N ASN B 73 20.25 -14.81 6.33
CA ASN B 73 20.02 -13.38 6.12
C ASN B 73 18.64 -13.00 6.67
N LYS B 74 18.11 -11.84 6.25
CA LYS B 74 16.88 -11.28 6.83
C LYS B 74 15.60 -11.71 6.09
N ARG B 75 15.71 -12.54 5.04
CA ARG B 75 14.64 -12.69 4.05
C ARG B 75 13.72 -13.86 4.39
N LYS B 76 12.40 -13.58 4.42
CA LYS B 76 11.39 -14.58 4.70
C LYS B 76 11.50 -15.79 3.77
N GLY B 77 11.64 -16.96 4.39
CA GLY B 77 11.64 -18.26 3.71
C GLY B 77 13.06 -18.77 3.49
N PHE B 78 14.07 -17.92 3.67
CA PHE B 78 15.44 -18.32 3.31
C PHE B 78 15.93 -19.51 4.15
N ASN B 79 15.77 -19.45 5.48
CA ASN B 79 16.29 -20.49 6.36
C ASN B 79 15.51 -21.77 6.09
N GLU B 80 14.21 -21.62 5.88
CA GLU B 80 13.39 -22.78 5.55
C GLU B 80 13.84 -23.41 4.24
N GLY B 81 14.16 -22.56 3.24
CA GLY B 81 14.63 -23.03 1.94
C GLY B 81 15.99 -23.74 2.07
N LEU B 82 16.86 -23.22 2.94
CA LEU B 82 18.14 -23.88 3.22
C LEU B 82 17.91 -25.28 3.81
N TRP B 83 16.91 -25.41 4.67
CA TRP B 83 16.64 -26.71 5.28
C TRP B 83 16.15 -27.69 4.22
N GLU B 84 15.26 -27.24 3.32
CA GLU B 84 14.65 -28.03 2.25
C GLU B 84 15.69 -28.57 1.27
N ILE B 85 16.58 -27.68 0.80
CA ILE B 85 17.55 -28.13 -0.22
C ILE B 85 18.53 -29.16 0.36
N GLN B 86 18.81 -29.07 1.69
CA GLN B 86 19.69 -29.98 2.41
C GLN B 86 18.98 -31.31 2.70
N ASN B 87 17.73 -31.27 3.19
CA ASN B 87 17.10 -32.40 3.89
C ASN B 87 16.03 -33.11 3.06
N ASN B 88 15.38 -32.44 2.11
CA ASN B 88 14.37 -33.07 1.28
C ASN B 88 14.15 -32.30 -0.02
N PRO B 89 15.21 -32.20 -0.85
CA PRO B 89 15.16 -31.32 -2.03
C PRO B 89 14.25 -31.80 -3.17
N HIS B 90 13.83 -33.08 -3.13
CA HIS B 90 13.03 -33.61 -4.24
C HIS B 90 11.58 -33.87 -3.85
N ALA B 91 11.15 -33.36 -2.68
CA ALA B 91 9.77 -33.57 -2.24
C ALA B 91 8.83 -32.61 -2.96
N SER B 92 7.52 -32.88 -2.86
CA SER B 92 6.47 -32.00 -3.32
C SER B 92 6.28 -30.86 -2.30
N TYR B 93 6.23 -29.62 -2.79
CA TYR B 93 6.14 -28.42 -1.95
C TYR B 93 5.01 -27.48 -2.35
N SER B 94 3.98 -28.01 -3.01
CA SER B 94 2.78 -27.23 -3.26
C SER B 94 2.22 -26.72 -1.91
N ALA C 5 -31.71 20.51 -10.29
CA ALA C 5 -31.09 21.63 -9.53
C ALA C 5 -30.32 21.15 -8.32
N PHE C 6 -29.80 22.16 -7.61
CA PHE C 6 -28.93 22.05 -6.47
C PHE C 6 -29.39 23.10 -5.46
N LYS C 7 -29.31 22.79 -4.17
CA LYS C 7 -29.69 23.74 -3.14
C LYS C 7 -28.48 23.99 -2.24
N PRO C 8 -28.40 25.15 -1.54
CA PRO C 8 -27.24 25.45 -0.70
C PRO C 8 -27.03 24.27 0.24
N GLY C 9 -25.75 23.88 0.42
CA GLY C 9 -25.37 22.77 1.27
C GLY C 9 -25.22 21.44 0.54
N ASP C 10 -25.77 21.32 -0.67
CA ASP C 10 -25.58 20.13 -1.50
C ASP C 10 -24.11 19.92 -1.85
N LEU C 11 -23.68 18.64 -1.78
CA LEU C 11 -22.29 18.25 -1.96
C LEU C 11 -21.99 17.85 -3.40
N VAL C 12 -20.87 18.40 -3.94
CA VAL C 12 -20.52 18.23 -5.35
C VAL C 12 -19.00 18.14 -5.53
N PHE C 13 -18.60 17.66 -6.71
CA PHE C 13 -17.33 18.02 -7.34
C PHE C 13 -17.57 19.17 -8.32
N ALA C 14 -16.70 20.19 -8.23
CA ALA C 14 -16.85 21.42 -8.99
C ALA C 14 -15.63 21.57 -9.87
N LYS C 15 -15.81 21.81 -11.18
CA LYS C 15 -14.67 21.91 -12.07
C LYS C 15 -14.46 23.35 -12.53
N MET C 16 -13.27 23.88 -12.29
CA MET C 16 -12.82 25.16 -12.83
C MET C 16 -11.64 24.94 -13.77
N LYS C 17 -11.48 25.87 -14.73
CA LYS C 17 -10.34 25.78 -15.64
C LYS C 17 -9.06 25.95 -14.83
N GLY C 18 -8.14 25.01 -15.03
CA GLY C 18 -6.82 25.03 -14.41
C GLY C 18 -6.74 24.22 -13.13
N TYR C 19 -7.81 23.48 -12.79
CA TYR C 19 -7.90 22.74 -11.53
C TYR C 19 -8.59 21.41 -11.76
N PRO C 20 -8.23 20.35 -11.02
CA PRO C 20 -8.97 19.09 -11.06
C PRO C 20 -10.36 19.28 -10.47
N HIS C 21 -11.25 18.34 -10.78
CA HIS C 21 -12.58 18.33 -10.21
C HIS C 21 -12.45 18.35 -8.69
N TRP C 22 -13.13 19.29 -8.03
CA TRP C 22 -12.75 19.67 -6.67
C TRP C 22 -13.90 19.45 -5.69
N PRO C 23 -13.69 18.86 -4.47
CA PRO C 23 -14.78 18.65 -3.52
C PRO C 23 -15.30 20.01 -3.08
N ALA C 24 -16.62 20.17 -3.10
CA ALA C 24 -17.25 21.46 -2.88
C ALA C 24 -18.70 21.29 -2.43
N ARG C 25 -19.30 22.44 -2.06
CA ARG C 25 -20.71 22.47 -1.70
C ARG C 25 -21.31 23.74 -2.28
N ILE C 26 -22.60 23.65 -2.63
CA ILE C 26 -23.37 24.83 -2.98
C ILE C 26 -23.44 25.78 -1.78
N ASP C 27 -23.17 27.06 -2.03
CA ASP C 27 -23.12 28.07 -0.98
C ASP C 27 -24.50 28.73 -0.86
N LYS C 35 -25.39 39.08 -6.40
CA LYS C 35 -26.21 38.05 -7.10
C LYS C 35 -25.34 37.40 -8.19
N PRO C 36 -25.39 36.06 -8.33
CA PRO C 36 -24.59 35.38 -9.35
C PRO C 36 -24.85 35.92 -10.76
N PRO C 37 -23.89 35.81 -11.71
CA PRO C 37 -24.22 36.03 -13.12
C PRO C 37 -25.30 35.01 -13.50
N PRO C 38 -26.08 35.25 -14.58
CA PRO C 38 -27.13 34.32 -14.99
C PRO C 38 -26.67 32.87 -15.07
N ASN C 39 -27.49 31.97 -14.51
CA ASN C 39 -27.34 30.53 -14.63
C ASN C 39 -26.04 30.05 -13.97
N LYS C 40 -25.66 30.71 -12.86
CA LYS C 40 -24.48 30.31 -12.07
C LYS C 40 -24.85 30.11 -10.60
N TYR C 41 -24.20 29.14 -9.94
CA TYR C 41 -24.38 28.93 -8.50
C TYR C 41 -23.17 29.42 -7.70
N PRO C 42 -23.33 29.85 -6.43
CA PRO C 42 -22.19 30.16 -5.57
C PRO C 42 -21.66 28.82 -5.06
N ILE C 43 -20.35 28.62 -5.19
CA ILE C 43 -19.72 27.37 -4.73
C ILE C 43 -18.72 27.68 -3.62
N PHE C 44 -18.69 26.85 -2.57
CA PHE C 44 -17.59 26.84 -1.60
C PHE C 44 -16.72 25.60 -1.79
N PHE C 45 -15.41 25.79 -2.03
CA PHE C 45 -14.43 24.74 -2.18
C PHE C 45 -13.93 24.23 -0.84
N PHE C 46 -14.06 22.91 -0.59
CA PHE C 46 -13.44 22.34 0.60
C PHE C 46 -11.92 22.43 0.56
N GLY C 47 -11.27 22.44 1.74
CA GLY C 47 -9.82 22.45 1.75
C GLY C 47 -9.24 23.87 1.65
N THR C 48 -9.39 24.49 0.48
CA THR C 48 -8.96 25.86 0.25
C THR C 48 -9.91 26.83 0.95
N HIS C 49 -11.19 26.46 1.07
CA HIS C 49 -12.22 27.34 1.63
C HIS C 49 -12.43 28.61 0.79
N GLU C 50 -12.30 28.49 -0.53
CA GLU C 50 -12.51 29.64 -1.41
C GLU C 50 -13.88 29.56 -2.04
N THR C 51 -14.32 30.65 -2.68
CA THR C 51 -15.61 30.64 -3.35
C THR C 51 -15.45 31.07 -4.81
N ALA C 52 -16.44 30.69 -5.64
CA ALA C 52 -16.52 31.06 -7.05
C ALA C 52 -17.96 30.87 -7.49
N PHE C 53 -18.27 31.37 -8.69
CA PHE C 53 -19.51 31.10 -9.37
C PHE C 53 -19.24 30.08 -10.48
N LEU C 54 -20.07 29.04 -10.53
CA LEU C 54 -19.98 28.06 -11.59
C LEU C 54 -21.36 27.70 -12.15
N GLY C 55 -21.39 27.24 -13.41
CA GLY C 55 -22.60 26.78 -14.09
C GLY C 55 -22.86 25.30 -13.75
N PRO C 56 -24.14 24.87 -13.81
CA PRO C 56 -24.51 23.49 -13.52
C PRO C 56 -23.70 22.46 -14.29
N LYS C 57 -23.14 22.85 -15.44
CA LYS C 57 -22.45 21.91 -16.30
C LYS C 57 -21.09 21.58 -15.70
N ASP C 58 -20.64 22.42 -14.77
CA ASP C 58 -19.33 22.24 -14.16
C ASP C 58 -19.46 21.53 -12.82
N LEU C 59 -20.66 20.99 -12.53
CA LEU C 59 -20.96 20.52 -11.19
C LEU C 59 -21.42 19.06 -11.27
N PHE C 60 -21.01 18.23 -10.29
CA PHE C 60 -21.33 16.81 -10.32
C PHE C 60 -21.71 16.38 -8.90
N PRO C 61 -22.90 15.76 -8.65
CA PRO C 61 -23.25 15.44 -7.27
C PRO C 61 -22.25 14.45 -6.67
N TYR C 62 -21.93 14.66 -5.38
CA TYR C 62 -20.90 13.95 -4.65
C TYR C 62 -21.09 12.42 -4.75
N ASP C 63 -22.29 11.92 -4.37
CA ASP C 63 -22.50 10.48 -4.27
C ASP C 63 -22.38 9.77 -5.62
N LYS C 64 -22.88 10.42 -6.67
CA LYS C 64 -22.83 9.87 -8.02
C LYS C 64 -21.43 9.88 -8.62
N SER C 65 -20.52 10.77 -8.19
CA SER C 65 -19.31 10.96 -8.98
C SER C 65 -18.01 10.71 -8.19
N LYS C 66 -18.15 10.46 -6.89
CA LYS C 66 -16.98 10.33 -6.05
C LYS C 66 -16.11 9.14 -6.46
N ASP C 67 -16.74 8.09 -7.03
CA ASP C 67 -15.98 6.94 -7.53
C ASP C 67 -14.98 7.41 -8.57
N LYS C 68 -15.33 8.48 -9.31
CA LYS C 68 -14.48 8.97 -10.37
C LYS C 68 -13.53 10.07 -9.89
N TYR C 69 -14.04 11.02 -9.08
CA TYR C 69 -13.26 12.22 -8.81
C TYR C 69 -12.74 12.23 -7.35
N GLY C 70 -13.27 11.33 -6.51
CA GLY C 70 -12.87 11.41 -5.11
C GLY C 70 -11.66 10.51 -4.90
N LYS C 71 -10.53 11.01 -5.37
CA LYS C 71 -9.28 10.27 -5.19
C LYS C 71 -8.22 11.34 -4.95
N PRO C 72 -7.16 11.06 -4.15
CA PRO C 72 -6.21 12.11 -3.81
C PRO C 72 -5.46 12.72 -5.00
N ASN C 73 -5.00 13.93 -4.76
CA ASN C 73 -3.93 14.49 -5.59
C ASN C 73 -3.26 15.59 -4.77
N LYS C 74 -2.10 16.05 -5.28
CA LYS C 74 -1.18 16.86 -4.48
C LYS C 74 -1.43 18.35 -4.66
N ARG C 75 -2.53 18.71 -5.33
CA ARG C 75 -2.81 20.14 -5.40
C ARG C 75 -3.13 20.67 -4.01
N LYS C 76 -2.72 21.94 -3.80
CA LYS C 76 -2.78 22.57 -2.48
C LYS C 76 -4.21 22.50 -1.97
N GLY C 77 -4.41 21.80 -0.86
CA GLY C 77 -5.69 21.91 -0.16
C GLY C 77 -6.62 20.75 -0.50
N PHE C 78 -6.28 19.99 -1.54
CA PHE C 78 -7.20 19.04 -2.15
C PHE C 78 -7.55 17.96 -1.13
N ASN C 79 -6.48 17.38 -0.56
CA ASN C 79 -6.70 16.19 0.23
C ASN C 79 -7.42 16.57 1.52
N GLU C 80 -7.10 17.75 2.06
CA GLU C 80 -7.85 18.23 3.21
C GLU C 80 -9.30 18.42 2.78
N GLY C 81 -9.52 18.86 1.53
CA GLY C 81 -10.88 18.99 1.00
C GLY C 81 -11.63 17.66 1.03
N LEU C 82 -10.96 16.60 0.58
CA LEU C 82 -11.57 15.28 0.56
C LEU C 82 -11.99 14.85 1.97
N TRP C 83 -11.16 15.18 2.98
CA TRP C 83 -11.52 14.79 4.34
C TRP C 83 -12.77 15.54 4.80
N GLU C 84 -12.86 16.82 4.45
CA GLU C 84 -13.96 17.68 4.87
C GLU C 84 -15.30 17.20 4.29
N ILE C 85 -15.32 16.86 2.97
CA ILE C 85 -16.57 16.58 2.29
C ILE C 85 -17.15 15.26 2.82
N GLN C 86 -16.26 14.35 3.23
CA GLN C 86 -16.67 13.04 3.73
C GLN C 86 -16.98 13.10 5.23
N ASN C 87 -16.20 13.88 5.99
CA ASN C 87 -16.22 13.78 7.44
C ASN C 87 -16.93 14.97 8.09
N ASN C 88 -16.79 16.18 7.53
CA ASN C 88 -17.26 17.39 8.21
C ASN C 88 -17.83 18.39 7.21
N PRO C 89 -18.82 18.00 6.37
CA PRO C 89 -19.19 18.79 5.18
C PRO C 89 -20.00 20.06 5.41
N HIS C 90 -20.48 20.24 6.64
CA HIS C 90 -21.38 21.35 6.93
C HIS C 90 -20.84 22.27 8.03
N ALA C 91 -19.57 22.09 8.42
CA ALA C 91 -18.89 23.05 9.28
C ALA C 91 -18.70 24.36 8.52
N SER C 92 -18.39 25.44 9.26
CA SER C 92 -18.48 26.81 8.74
C SER C 92 -17.25 27.22 7.94
N TYR C 93 -16.07 26.72 8.36
CA TYR C 93 -14.77 27.09 7.81
C TYR C 93 -14.71 28.60 7.52
S SO4 D . 6.73 18.11 6.79
O1 SO4 D . 7.81 17.63 5.96
O2 SO4 D . 6.11 17.00 7.46
O3 SO4 D . 7.23 19.04 7.76
O4 SO4 D . 5.76 18.79 5.96
S SO4 E . 6.22 13.45 19.91
O1 SO4 E . 7.27 12.48 19.75
O2 SO4 E . 5.23 12.95 20.83
O3 SO4 E . 6.76 14.69 20.40
O4 SO4 E . 5.58 13.68 18.64
C1 EDO F . 1.94 -1.22 -0.33
O1 EDO F . 1.07 -1.98 -1.17
C2 EDO F . 2.89 -2.06 0.46
O2 EDO F . 2.24 -2.76 1.53
S SO4 G . -1.30 15.44 1.90
O1 SO4 G . -1.55 14.06 1.78
O2 SO4 G . 0.04 15.73 1.42
O3 SO4 G . -2.28 16.21 1.16
O4 SO4 G . -1.38 15.82 3.30
S SO4 H . 12.69 -18.32 7.56
O1 SO4 H . 12.56 -19.27 6.45
O2 SO4 H . 14.00 -17.74 7.59
O3 SO4 H . 11.70 -17.24 7.40
O4 SO4 H . 12.46 -19.00 8.79
S SO4 I . 20.36 -7.02 -6.58
O1 SO4 I . 19.60 -7.29 -7.75
O2 SO4 I . 21.65 -6.53 -6.97
O3 SO4 I . 19.68 -6.04 -5.78
O4 SO4 I . 20.54 -8.23 -5.80
N1 TU6 J . 8.20 -12.07 -5.84
C4 TU6 J . 8.32 -12.71 -4.67
C5 TU6 J . 7.23 -12.53 -3.61
C6 TU6 J . 11.95 -15.49 -5.96
C7 TU6 J . 13.35 -15.13 -5.48
C8 TU6 J . 13.59 -15.56 -4.04
C10 TU6 J . 11.12 -15.50 -3.66
N TU6 J . 9.25 -13.61 -4.34
C TU6 J . 9.00 -11.65 -8.09
O TU6 J . 6.49 -11.35 -3.83
C1 TU6 J . 9.12 -12.37 -6.78
C2 TU6 J . 10.11 -13.31 -6.54
C3 TU6 J . 10.12 -13.93 -5.30
C9 TU6 J . 12.48 -15.10 -3.11
N2 TU6 J . 10.96 -14.98 -5.02
C1 EDO K . -9.04 25.43 -6.17
O1 EDO K . -7.81 25.79 -5.58
C2 EDO K . -10.14 25.37 -5.17
O2 EDO K . -10.19 26.61 -4.49
S SO4 L . -9.01 21.41 -18.48
O1 SO4 L . -9.78 20.24 -18.12
O2 SO4 L . -7.69 21.31 -17.94
O3 SO4 L . -8.93 21.53 -19.91
O4 SO4 L . -9.66 22.58 -17.94
#